data_5EQV
#
_entry.id   5EQV
#
_cell.length_a   107.282
_cell.length_b   107.282
_cell.length_c   63.357
_cell.angle_alpha   90.00
_cell.angle_beta   90.00
_cell.angle_gamma   90.00
#
_symmetry.space_group_name_H-M   'P 43 21 2'
#
loop_
_entity.id
_entity.type
_entity.pdbx_description
1 polymer "bifunctional 2',3'-cyclic nucleotide 2'-phosphodiesterase/3'-nucleotidase periplasmic precursor protein"
2 non-polymer 'FE (III) ION'
3 non-polymer 'SODIUM ION'
4 non-polymer 'PHOSPHATE ION'
5 non-polymer D-MALATE
6 non-polymer 'TRIETHYLENE GLYCOL'
7 non-polymer 2-AMINO-2-HYDROXYMETHYL-PROPANE-1,3-DIOL
8 water water
#
_entity_poly.entity_id   1
_entity_poly.type   'polypeptide(L)'
_entity_poly.pdbx_seq_one_letter_code
;SNASAATVDLRVLETTDLHSNMMDFDYYKDKPTEKFGLVRTASLIIAARQQATNSVLVDNGDVIQGSPLGDYIAAKGLND
GEIHPVYKAMNTLDYAVGNIGNHEFNYGLDYLKKSLAGAKFPYVNANVIDVKTGKPLFQPYLIIDTPVKDRDGKSHNLRI
GYIGFVPPQVMIWDKANLSGKVTVNDITETAKKWVPEMREQGADLVVAIPHSGLSSDPYKTMAENSVYYLSQVPGIDAIM
FGHAHGVFPSKDFAAIKGADITQGTLNGIPAVMPGQWGDHLGVVDFVLNNDQGKWQVIDAKAEARPIYDKTAQKSLAAEN
AKLVEVLAVDHQSTRDFVSQ
;
_entity_poly.pdbx_strand_id   A
#
loop_
_chem_comp.id
_chem_comp.type
_chem_comp.name
_chem_comp.formula
FE non-polymer 'FE (III) ION' 'Fe 3'
MLT non-polymer D-MALATE 'C4 H6 O5'
NA non-polymer 'SODIUM ION' 'Na 1'
PGE non-polymer 'TRIETHYLENE GLYCOL' 'C6 H14 O4'
PO4 non-polymer 'PHOSPHATE ION' 'O4 P -3'
TRS non-polymer 2-AMINO-2-HYDROXYMETHYL-PROPANE-1,3-DIOL 'C4 H12 N O3 1'
#
# COMPACT_ATOMS: atom_id res chain seq x y z
N ALA A 5 -7.79 25.12 -17.86
CA ALA A 5 -7.40 24.43 -19.12
C ALA A 5 -6.16 23.55 -18.92
N ALA A 6 -5.93 23.11 -17.68
CA ALA A 6 -4.76 22.30 -17.38
C ALA A 6 -5.10 20.82 -17.34
N THR A 7 -4.21 20.01 -17.90
CA THR A 7 -4.33 18.57 -17.89
C THR A 7 -3.08 18.02 -17.19
N VAL A 8 -3.30 17.18 -16.18
CA VAL A 8 -2.22 16.64 -15.32
C VAL A 8 -2.23 15.12 -15.37
N ASP A 9 -1.05 14.55 -15.63
CA ASP A 9 -0.83 13.11 -15.50
C ASP A 9 -0.38 12.83 -14.07
N LEU A 10 -1.04 11.90 -13.41
CA LEU A 10 -0.63 11.55 -12.02
C LEU A 10 -0.55 10.05 -11.86
N ARG A 11 0.57 9.60 -11.33
CA ARG A 11 0.83 8.19 -11.11
C ARG A 11 0.82 7.90 -9.61
N VAL A 12 0.08 6.87 -9.20
CA VAL A 12 0.07 6.40 -7.83
C VAL A 12 0.71 5.01 -7.81
N LEU A 13 1.80 4.88 -7.04
CA LEU A 13 2.56 3.66 -6.91
C LEU A 13 2.23 2.99 -5.60
N GLU A 14 2.40 1.66 -5.56
CA GLU A 14 2.06 0.89 -4.38
C GLU A 14 2.91 -0.34 -4.22
N THR A 15 3.44 -0.50 -3.00
CA THR A 15 3.98 -1.78 -2.54
C THR A 15 2.99 -2.43 -1.58
N THR A 16 3.01 -3.77 -1.51
CA THR A 16 2.11 -4.52 -0.61
C THR A 16 2.74 -5.80 -0.13
N ASP A 17 2.40 -6.21 1.07
CA ASP A 17 2.76 -7.56 1.53
C ASP A 17 4.23 -7.84 1.40
N LEU A 18 5.04 -6.85 1.69
CA LEU A 18 6.48 -7.04 1.66
C LEU A 18 6.91 -8.11 2.64
N HIS A 19 6.22 -8.19 3.78
CA HIS A 19 6.49 -9.22 4.78
C HIS A 19 7.95 -9.27 5.21
N SER A 20 8.52 -8.09 5.42
N SER A 20 8.53 -8.08 5.40
CA SER A 20 9.90 -7.90 5.86
CA SER A 20 9.91 -7.93 5.86
C SER A 20 10.97 -8.47 4.89
C SER A 20 10.97 -8.47 4.88
N ASN A 21 10.56 -8.78 3.65
CA ASN A 21 11.54 -9.23 2.63
C ASN A 21 12.20 -8.00 2.00
N MET A 22 13.16 -7.43 2.73
CA MET A 22 13.90 -6.27 2.25
C MET A 22 14.96 -6.72 1.25
N MET A 23 15.76 -7.71 1.60
CA MET A 23 16.74 -8.27 0.69
C MET A 23 16.15 -9.26 -0.29
N ASP A 24 16.78 -9.29 -1.48
CA ASP A 24 16.52 -10.31 -2.51
C ASP A 24 17.37 -11.51 -2.18
N PHE A 25 17.01 -12.14 -1.06
CA PHE A 25 17.85 -13.22 -0.49
C PHE A 25 16.94 -14.17 0.27
N ASP A 26 17.19 -15.46 0.03
CA ASP A 26 16.46 -16.54 0.69
C ASP A 26 17.37 -17.01 1.83
N TYR A 27 17.00 -16.67 3.06
CA TYR A 27 17.87 -16.99 4.23
C TYR A 27 17.87 -18.47 4.60
N TYR A 28 16.87 -19.23 4.18
CA TYR A 28 16.83 -20.67 4.50
C TYR A 28 17.75 -21.43 3.57
N LYS A 29 17.80 -21.03 2.30
CA LYS A 29 18.74 -21.58 1.33
C LYS A 29 20.11 -20.90 1.43
N ASP A 30 20.13 -19.71 2.03
CA ASP A 30 21.33 -18.87 2.14
C ASP A 30 21.86 -18.52 0.74
N LYS A 31 20.96 -18.08 -0.13
CA LYS A 31 21.29 -17.76 -1.52
C LYS A 31 20.47 -16.58 -2.00
N PRO A 32 21.05 -15.76 -2.91
CA PRO A 32 20.29 -14.66 -3.50
C PRO A 32 19.17 -15.16 -4.38
N THR A 33 18.22 -14.28 -4.65
CA THR A 33 17.12 -14.59 -5.55
C THR A 33 16.87 -13.37 -6.44
N GLU A 34 16.32 -13.62 -7.64
CA GLU A 34 15.88 -12.55 -8.51
C GLU A 34 14.35 -12.34 -8.37
N LYS A 35 13.68 -13.10 -7.49
CA LYS A 35 12.22 -13.20 -7.53
C LYS A 35 11.45 -12.49 -6.44
N PHE A 36 12.14 -11.90 -5.46
CA PHE A 36 11.47 -11.09 -4.45
C PHE A 36 12.48 -10.14 -3.82
N GLY A 37 11.96 -9.20 -3.01
CA GLY A 37 12.77 -8.31 -2.22
C GLY A 37 12.62 -6.85 -2.62
N LEU A 38 12.46 -6.00 -1.61
CA LEU A 38 12.33 -4.55 -1.83
C LEU A 38 13.53 -3.93 -2.54
N VAL A 39 14.72 -4.52 -2.37
CA VAL A 39 15.89 -4.00 -3.08
C VAL A 39 15.73 -4.12 -4.60
N ARG A 40 14.87 -5.05 -5.07
CA ARG A 40 14.52 -5.10 -6.48
C ARG A 40 13.29 -4.27 -6.81
N THR A 41 12.26 -4.30 -5.97
CA THR A 41 11.08 -3.47 -6.24
C THR A 41 11.46 -1.99 -6.33
N ALA A 42 12.46 -1.58 -5.55
CA ALA A 42 12.93 -0.19 -5.57
C ALA A 42 13.30 0.24 -6.98
N SER A 43 13.86 -0.67 -7.77
CA SER A 43 14.25 -0.35 -9.14
C SER A 43 13.03 -0.07 -10.00
N LEU A 44 11.95 -0.81 -9.80
CA LEU A 44 10.68 -0.48 -10.48
C LEU A 44 10.16 0.88 -10.06
N ILE A 45 10.29 1.23 -8.78
CA ILE A 45 9.84 2.54 -8.29
C ILE A 45 10.64 3.65 -8.97
N ILE A 46 11.95 3.53 -9.00
CA ILE A 46 12.78 4.57 -9.59
C ILE A 46 12.44 4.69 -11.08
N ALA A 47 12.32 3.57 -11.79
CA ALA A 47 11.97 3.62 -13.22
C ALA A 47 10.62 4.27 -13.44
N ALA A 48 9.65 3.89 -12.63
CA ALA A 48 8.28 4.44 -12.82
C ALA A 48 8.25 5.94 -12.59
N ARG A 49 9.06 6.43 -11.65
N ARG A 49 9.08 6.44 -11.67
CA ARG A 49 9.17 7.86 -11.40
CA ARG A 49 9.15 7.87 -11.38
C ARG A 49 9.76 8.62 -12.59
C ARG A 49 9.98 8.68 -12.39
N GLN A 50 10.72 8.01 -13.29
CA GLN A 50 11.34 8.70 -14.43
C GLN A 50 10.36 8.83 -15.58
N GLN A 51 9.45 7.87 -15.70
CA GLN A 51 8.46 7.89 -16.78
C GLN A 51 7.37 8.89 -16.57
N ALA A 52 7.00 9.10 -15.31
CA ALA A 52 5.88 9.93 -14.92
C ALA A 52 6.34 11.28 -14.43
N THR A 53 5.69 12.32 -14.88
CA THR A 53 5.98 13.68 -14.40
C THR A 53 5.62 13.87 -12.90
N ASN A 54 4.52 13.25 -12.48
CA ASN A 54 4.02 13.38 -11.10
C ASN A 54 3.71 12.02 -10.54
N SER A 55 4.23 11.72 -9.36
N SER A 55 4.31 11.68 -9.39
CA SER A 55 3.93 10.43 -8.73
CA SER A 55 4.10 10.38 -8.74
C SER A 55 4.01 10.49 -7.23
C SER A 55 3.94 10.56 -7.22
N VAL A 56 3.20 9.62 -6.62
CA VAL A 56 3.18 9.43 -5.17
C VAL A 56 3.27 7.92 -4.95
N LEU A 57 3.74 7.54 -3.76
CA LEU A 57 4.00 6.13 -3.43
C LEU A 57 3.37 5.79 -2.08
N VAL A 58 2.67 4.66 -2.01
CA VAL A 58 2.05 4.18 -0.77
C VAL A 58 2.43 2.73 -0.49
N ASP A 59 2.31 2.32 0.78
CA ASP A 59 2.47 0.90 1.14
C ASP A 59 1.16 0.41 1.77
N ASN A 60 0.74 -0.79 1.36
CA ASN A 60 -0.54 -1.35 1.82
C ASN A 60 -0.54 -2.05 3.17
N GLY A 61 0.65 -2.39 3.68
CA GLY A 61 0.76 -3.08 4.95
C GLY A 61 1.27 -4.51 4.83
N ASP A 62 1.25 -5.21 5.95
CA ASP A 62 1.90 -6.53 6.09
C ASP A 62 3.38 -6.38 5.75
N VAL A 63 4.03 -5.48 6.47
CA VAL A 63 5.40 -5.12 6.15
C VAL A 63 6.39 -5.51 7.22
N ILE A 64 6.00 -5.48 8.51
CA ILE A 64 6.95 -5.68 9.61
C ILE A 64 7.05 -7.13 10.08
N GLN A 65 6.38 -8.06 9.42
CA GLN A 65 6.33 -9.45 9.84
C GLN A 65 6.37 -10.37 8.65
N GLY A 66 6.91 -11.57 8.83
CA GLY A 66 6.70 -12.66 7.88
C GLY A 66 7.88 -13.21 7.11
N SER A 67 9.09 -12.87 7.52
CA SER A 67 10.29 -13.42 6.89
C SER A 67 11.41 -13.35 7.92
N PRO A 68 12.56 -13.96 7.60
CA PRO A 68 13.60 -13.98 8.64
C PRO A 68 14.04 -12.63 9.20
N LEU A 69 14.14 -11.59 8.38
CA LEU A 69 14.47 -10.29 8.95
C LEU A 69 13.43 -9.89 10.00
N GLY A 70 12.15 -10.10 9.69
CA GLY A 70 11.11 -9.73 10.64
C GLY A 70 11.14 -10.53 11.93
N ASP A 71 11.50 -11.81 11.81
CA ASP A 71 11.61 -12.69 12.96
C ASP A 71 12.77 -12.24 13.84
N TYR A 72 13.92 -11.96 13.21
CA TYR A 72 15.16 -11.49 13.91
C TYR A 72 14.86 -10.24 14.74
N ILE A 73 14.22 -9.24 14.12
CA ILE A 73 13.95 -7.99 14.81
C ILE A 73 12.87 -8.13 15.89
N ALA A 74 11.84 -8.94 15.65
CA ALA A 74 10.79 -9.14 16.67
C ALA A 74 11.39 -9.79 17.91
N ALA A 75 12.34 -10.71 17.71
CA ALA A 75 13.01 -11.35 18.84
C ALA A 75 14.00 -10.42 19.56
N LYS A 76 14.67 -9.58 18.78
N LYS A 76 14.69 -9.58 18.81
CA LYS A 76 15.66 -8.59 19.24
CA LYS A 76 15.65 -8.64 19.39
C LYS A 76 15.02 -7.43 20.00
C LYS A 76 14.93 -7.51 20.13
N GLY A 77 13.82 -7.05 19.57
CA GLY A 77 13.08 -5.91 20.12
C GLY A 77 13.57 -4.60 19.51
N LEU A 78 12.85 -3.51 19.76
CA LEU A 78 13.22 -2.19 19.22
C LEU A 78 13.65 -1.19 20.31
N ASN A 79 14.38 -1.69 21.30
CA ASN A 79 14.87 -0.86 22.41
C ASN A 79 16.39 -0.73 22.47
N ASP A 80 17.04 -0.74 21.30
CA ASP A 80 18.52 -0.64 21.21
C ASP A 80 18.99 0.64 20.49
N GLY A 81 18.10 1.63 20.36
CA GLY A 81 18.43 2.89 19.70
C GLY A 81 18.30 2.84 18.18
N GLU A 82 17.70 1.77 17.66
CA GLU A 82 17.53 1.60 16.22
C GLU A 82 16.06 1.44 15.83
N ILE A 83 15.73 1.98 14.67
CA ILE A 83 14.43 1.81 14.04
C ILE A 83 14.37 0.46 13.30
N HIS A 84 13.18 0.02 12.95
CA HIS A 84 13.05 -1.25 12.26
C HIS A 84 13.76 -1.20 10.90
N PRO A 85 14.53 -2.24 10.56
CA PRO A 85 15.17 -2.20 9.24
C PRO A 85 14.23 -2.06 8.05
N VAL A 86 12.96 -2.48 8.16
CA VAL A 86 12.07 -2.21 7.02
C VAL A 86 11.94 -0.74 6.76
N TYR A 87 11.94 0.07 7.83
CA TYR A 87 11.86 1.52 7.70
C TYR A 87 13.19 2.13 7.37
N LYS A 88 14.31 1.58 7.86
CA LYS A 88 15.63 2.01 7.38
C LYS A 88 15.62 2.01 5.84
N ALA A 89 15.04 0.98 5.24
CA ALA A 89 14.92 0.90 3.81
C ALA A 89 13.85 1.81 3.24
N MET A 90 12.61 1.65 3.69
CA MET A 90 11.51 2.42 3.13
C MET A 90 11.66 3.92 3.32
N ASN A 91 12.35 4.33 4.38
CA ASN A 91 12.54 5.75 4.62
C ASN A 91 13.35 6.45 3.55
N THR A 92 14.05 5.68 2.71
CA THR A 92 14.88 6.24 1.62
C THR A 92 14.14 6.29 0.28
N LEU A 93 12.91 5.77 0.22
CA LEU A 93 12.19 5.62 -1.05
C LEU A 93 11.07 6.63 -1.28
N ASP A 94 10.96 7.62 -0.40
CA ASP A 94 9.97 8.69 -0.52
C ASP A 94 8.54 8.18 -0.64
N TYR A 95 8.12 7.42 0.37
CA TYR A 95 6.72 7.08 0.55
C TYR A 95 5.94 8.31 1.01
N ALA A 96 4.74 8.41 0.50
CA ALA A 96 3.80 9.44 0.97
C ALA A 96 3.03 9.01 2.21
N VAL A 97 2.68 7.73 2.30
N VAL A 97 2.56 7.76 2.21
CA VAL A 97 1.83 7.27 3.37
CA VAL A 97 1.65 7.24 3.23
C VAL A 97 1.90 5.76 3.41
C VAL A 97 1.75 5.73 3.37
N GLY A 98 1.65 5.22 4.61
CA GLY A 98 1.55 3.79 4.87
C GLY A 98 0.18 3.42 5.41
N ASN A 99 -0.24 2.19 5.13
CA ASN A 99 -1.48 1.62 5.68
C ASN A 99 -1.12 0.44 6.59
N ILE A 100 -1.94 0.21 7.62
CA ILE A 100 -1.73 -0.89 8.55
C ILE A 100 -2.36 -2.20 8.05
N GLY A 101 -1.55 -3.25 7.88
CA GLY A 101 -2.07 -4.56 7.51
C GLY A 101 -2.35 -5.43 8.74
N ASN A 102 -2.90 -6.63 8.53
CA ASN A 102 -3.24 -7.47 9.69
C ASN A 102 -2.04 -7.92 10.49
N HIS A 103 -0.94 -8.26 9.83
CA HIS A 103 0.21 -8.76 10.58
C HIS A 103 0.93 -7.73 11.40
N GLU A 104 0.65 -6.45 11.14
CA GLU A 104 1.21 -5.40 11.97
C GLU A 104 0.82 -5.50 13.45
N PHE A 105 -0.28 -6.22 13.74
CA PHE A 105 -0.73 -6.41 15.14
C PHE A 105 -0.11 -7.62 15.84
N ASN A 106 0.69 -8.41 15.14
CA ASN A 106 1.12 -9.74 15.67
C ASN A 106 1.95 -9.72 16.94
N TYR A 107 2.62 -8.61 17.20
CA TYR A 107 3.52 -8.54 18.34
C TYR A 107 2.97 -7.57 19.38
N GLY A 108 1.70 -7.16 19.26
CA GLY A 108 1.08 -6.28 20.20
C GLY A 108 1.03 -4.82 19.76
N LEU A 109 0.13 -4.06 20.37
CA LEU A 109 -0.01 -2.63 20.05
C LEU A 109 1.25 -1.83 20.40
N ASP A 110 1.94 -2.21 21.48
CA ASP A 110 3.16 -1.45 21.85
C ASP A 110 4.27 -1.59 20.83
N TYR A 111 4.53 -2.81 20.37
CA TYR A 111 5.53 -3.04 19.35
C TYR A 111 5.14 -2.35 18.04
N LEU A 112 3.86 -2.39 17.70
CA LEU A 112 3.40 -1.68 16.51
C LEU A 112 3.63 -0.19 16.62
N LYS A 113 3.30 0.43 17.76
CA LYS A 113 3.50 1.87 17.93
C LYS A 113 4.99 2.22 17.79
N LYS A 114 5.85 1.43 18.42
CA LYS A 114 7.30 1.66 18.31
C LYS A 114 7.79 1.51 16.89
N SER A 115 7.30 0.49 16.18
CA SER A 115 7.71 0.26 14.81
C SER A 115 7.31 1.43 13.96
N LEU A 116 6.04 1.83 14.02
CA LEU A 116 5.59 2.93 13.17
C LEU A 116 6.30 4.23 13.49
N ALA A 117 6.70 4.42 14.75
CA ALA A 117 7.39 5.66 15.12
C ALA A 117 8.71 5.85 14.36
N GLY A 118 9.28 4.77 13.88
CA GLY A 118 10.51 4.89 13.08
C GLY A 118 10.30 5.16 11.62
N ALA A 119 9.08 5.04 11.14
CA ALA A 119 8.78 5.31 9.73
C ALA A 119 8.79 6.79 9.49
N LYS A 120 9.49 7.25 8.46
CA LYS A 120 9.53 8.69 8.06
C LYS A 120 8.44 9.06 7.07
N PHE A 121 7.25 8.51 7.30
CA PHE A 121 6.06 8.83 6.53
C PHE A 121 4.87 8.50 7.43
N PRO A 122 3.75 9.21 7.25
CA PRO A 122 2.61 9.01 8.11
C PRO A 122 1.87 7.72 7.76
N TYR A 123 1.13 7.21 8.76
CA TYR A 123 0.29 6.04 8.64
C TYR A 123 -1.18 6.38 8.84
N VAL A 124 -2.02 5.64 8.14
CA VAL A 124 -3.47 5.73 8.27
C VAL A 124 -4.12 4.39 8.55
N ASN A 125 -5.25 4.47 9.25
CA ASN A 125 -6.19 3.36 9.42
C ASN A 125 -7.50 3.96 9.96
N ALA A 126 -8.62 3.68 9.29
CA ALA A 126 -9.89 4.26 9.69
C ALA A 126 -10.82 3.36 10.49
N ASN A 127 -10.66 2.04 10.42
CA ASN A 127 -11.66 1.16 11.00
C ASN A 127 -11.35 0.53 12.37
N VAL A 128 -10.13 0.69 12.87
CA VAL A 128 -9.78 0.20 14.21
C VAL A 128 -10.21 1.27 15.23
N ILE A 129 -11.10 0.89 16.14
CA ILE A 129 -11.68 1.77 17.13
C ILE A 129 -11.12 1.48 18.52
N ASP A 130 -10.66 2.51 19.23
CA ASP A 130 -10.16 2.36 20.60
C ASP A 130 -11.36 2.14 21.53
N VAL A 131 -11.37 1.04 22.28
CA VAL A 131 -12.44 0.75 23.21
C VAL A 131 -12.64 1.87 24.24
N LYS A 132 -11.55 2.51 24.66
CA LYS A 132 -11.64 3.52 25.71
C LYS A 132 -12.26 4.81 25.26
N THR A 133 -12.10 5.14 23.99
CA THR A 133 -12.64 6.39 23.48
C THR A 133 -13.83 6.22 22.58
N GLY A 134 -14.03 5.03 22.00
CA GLY A 134 -15.06 4.84 21.00
C GLY A 134 -14.79 5.53 19.67
N LYS A 135 -13.57 6.02 19.49
N LYS A 135 -13.56 6.00 19.49
CA LYS A 135 -13.14 6.74 18.29
CA LYS A 135 -13.14 6.70 18.28
C LYS A 135 -11.92 6.02 17.67
C LYS A 135 -11.92 6.00 17.67
N PRO A 136 -11.57 6.32 16.42
CA PRO A 136 -10.42 5.67 15.80
C PRO A 136 -9.14 5.72 16.64
N LEU A 137 -8.43 4.59 16.72
CA LEU A 137 -7.14 4.55 17.41
C LEU A 137 -6.03 5.23 16.62
N PHE A 138 -6.13 5.14 15.31
CA PHE A 138 -5.13 5.68 14.38
C PHE A 138 -5.72 6.88 13.64
N GLN A 139 -4.97 7.45 12.72
CA GLN A 139 -5.45 8.54 11.90
C GLN A 139 -6.28 7.97 10.77
N PRO A 140 -7.59 8.28 10.69
CA PRO A 140 -8.41 7.61 9.66
C PRO A 140 -8.04 7.96 8.24
N TYR A 141 -7.73 9.23 8.00
CA TYR A 141 -7.32 9.69 6.67
C TYR A 141 -6.41 10.91 6.81
N LEU A 142 -5.69 11.22 5.73
CA LEU A 142 -4.91 12.44 5.64
C LEU A 142 -5.20 13.06 4.28
N ILE A 143 -5.31 14.39 4.23
CA ILE A 143 -5.38 15.14 2.97
C ILE A 143 -4.04 15.85 2.86
N ILE A 144 -3.29 15.48 1.84
CA ILE A 144 -1.91 15.92 1.66
C ILE A 144 -1.74 16.80 0.40
N ASP A 145 -1.46 18.10 0.61
CA ASP A 145 -1.18 19.01 -0.49
C ASP A 145 0.04 18.48 -1.22
N THR A 146 -0.08 18.34 -2.54
CA THR A 146 0.94 17.70 -3.35
C THR A 146 1.19 18.56 -4.62
N PRO A 147 2.41 19.11 -4.78
CA PRO A 147 2.68 19.88 -6.00
C PRO A 147 2.74 18.99 -7.22
N VAL A 148 2.09 19.40 -8.31
CA VAL A 148 2.11 18.68 -9.56
C VAL A 148 2.34 19.67 -10.72
N LYS A 149 2.88 19.16 -11.81
CA LYS A 149 3.06 19.94 -13.02
C LYS A 149 2.14 19.40 -14.09
N ASP A 150 1.45 20.31 -14.79
CA ASP A 150 0.59 19.90 -15.90
C ASP A 150 1.43 19.66 -17.18
N ARG A 151 0.77 19.31 -18.28
CA ARG A 151 1.46 18.93 -19.51
C ARG A 151 2.17 20.07 -20.18
N ASP A 152 1.82 21.29 -19.81
CA ASP A 152 2.49 22.51 -20.29
C ASP A 152 3.64 22.92 -19.38
N GLY A 153 3.86 22.19 -18.29
CA GLY A 153 4.88 22.51 -17.31
C GLY A 153 4.48 23.49 -16.21
N LYS A 154 3.20 23.88 -16.14
CA LYS A 154 2.73 24.78 -15.09
C LYS A 154 2.45 24.03 -13.76
N SER A 155 2.79 24.63 -12.63
N SER A 155 2.75 24.66 -12.63
CA SER A 155 2.56 24.04 -11.32
CA SER A 155 2.58 24.09 -11.29
C SER A 155 1.14 24.24 -10.79
C SER A 155 1.19 24.30 -10.67
N HIS A 156 0.68 23.25 -10.04
CA HIS A 156 -0.62 23.27 -9.34
C HIS A 156 -0.47 22.55 -8.00
N ASN A 157 -1.36 22.86 -7.07
CA ASN A 157 -1.47 22.15 -5.80
C ASN A 157 -2.65 21.18 -5.92
N LEU A 158 -2.39 19.91 -5.76
CA LEU A 158 -3.43 18.90 -5.78
C LEU A 158 -3.57 18.35 -4.35
N ARG A 159 -4.78 18.35 -3.80
CA ARG A 159 -5.01 17.85 -2.43
C ARG A 159 -5.42 16.40 -2.49
N ILE A 160 -4.48 15.51 -2.18
CA ILE A 160 -4.74 14.07 -2.30
C ILE A 160 -5.10 13.48 -0.95
N GLY A 161 -6.29 12.89 -0.87
CA GLY A 161 -6.73 12.25 0.36
C GLY A 161 -6.41 10.78 0.32
N TYR A 162 -5.96 10.25 1.45
CA TYR A 162 -5.62 8.84 1.59
C TYR A 162 -6.34 8.29 2.82
N ILE A 163 -6.99 7.14 2.67
CA ILE A 163 -7.73 6.48 3.74
C ILE A 163 -7.37 5.00 3.76
N GLY A 164 -7.14 4.46 4.96
CA GLY A 164 -6.68 3.07 5.16
C GLY A 164 -7.65 2.16 5.85
N PHE A 165 -7.54 0.87 5.62
CA PHE A 165 -8.42 -0.12 6.22
C PHE A 165 -7.68 -1.43 6.43
N VAL A 166 -8.15 -2.17 7.44
CA VAL A 166 -7.60 -3.50 7.75
C VAL A 166 -8.79 -4.48 7.92
N PRO A 167 -8.57 -5.79 7.73
CA PRO A 167 -9.71 -6.70 7.91
C PRO A 167 -10.22 -6.78 9.35
N PRO A 168 -11.55 -6.83 9.53
CA PRO A 168 -12.10 -6.98 10.88
C PRO A 168 -11.65 -8.27 11.57
N GLN A 169 -11.23 -9.25 10.79
CA GLN A 169 -10.78 -10.52 11.31
C GLN A 169 -9.52 -10.44 12.14
N VAL A 170 -8.87 -9.28 12.21
CA VAL A 170 -7.75 -9.14 13.16
C VAL A 170 -8.22 -9.44 14.59
N MET A 171 -9.51 -9.23 14.88
CA MET A 171 -10.03 -9.52 16.21
C MET A 171 -9.92 -10.97 16.62
N ILE A 172 -9.88 -11.85 15.62
CA ILE A 172 -9.69 -13.29 15.85
C ILE A 172 -8.22 -13.62 15.73
N TRP A 173 -7.59 -13.19 14.65
CA TRP A 173 -6.18 -13.51 14.40
C TRP A 173 -5.24 -12.98 15.47
N ASP A 174 -5.61 -11.86 16.07
CA ASP A 174 -4.82 -11.25 17.15
C ASP A 174 -5.72 -11.00 18.37
N LYS A 175 -6.53 -12.00 18.70
CA LYS A 175 -7.44 -11.93 19.85
C LYS A 175 -6.71 -11.51 21.12
N ALA A 176 -5.62 -12.20 21.48
CA ALA A 176 -4.92 -11.81 22.70
C ALA A 176 -4.51 -10.35 22.74
N ASN A 177 -3.99 -9.87 21.63
CA ASN A 177 -3.46 -8.52 21.59
C ASN A 177 -4.50 -7.43 21.44
N LEU A 178 -5.70 -7.79 20.95
CA LEU A 178 -6.72 -6.80 20.59
C LEU A 178 -8.04 -6.88 21.34
N SER A 179 -8.45 -8.07 21.78
CA SER A 179 -9.78 -8.22 22.38
C SER A 179 -9.87 -7.44 23.68
N GLY A 180 -10.84 -6.54 23.77
CA GLY A 180 -10.97 -5.66 24.93
C GLY A 180 -10.17 -4.36 24.83
N LYS A 181 -9.35 -4.22 23.80
N LYS A 181 -9.36 -4.21 23.80
CA LYS A 181 -8.54 -2.99 23.57
CA LYS A 181 -8.57 -3.01 23.58
C LYS A 181 -9.00 -2.20 22.36
C LYS A 181 -9.12 -2.20 22.42
N VAL A 182 -9.46 -2.90 21.32
CA VAL A 182 -10.03 -2.26 20.13
C VAL A 182 -11.19 -3.10 19.63
N THR A 183 -11.99 -2.51 18.76
CA THR A 183 -12.92 -3.22 17.89
C THR A 183 -12.59 -2.76 16.46
N VAL A 184 -13.09 -3.48 15.47
CA VAL A 184 -12.79 -3.15 14.07
C VAL A 184 -14.08 -3.17 13.26
N ASN A 185 -14.41 -2.01 12.71
CA ASN A 185 -15.66 -1.86 11.95
C ASN A 185 -15.52 -2.36 10.51
N ASP A 186 -16.66 -2.67 9.94
CA ASP A 186 -16.75 -3.09 8.54
C ASP A 186 -16.02 -2.07 7.62
N ILE A 187 -15.29 -2.61 6.65
CA ILE A 187 -14.52 -1.78 5.73
C ILE A 187 -15.42 -0.85 4.92
N THR A 188 -16.46 -1.39 4.28
CA THR A 188 -17.31 -0.57 3.41
C THR A 188 -18.07 0.49 4.22
N GLU A 189 -18.64 0.12 5.36
N GLU A 189 -18.62 0.09 5.35
CA GLU A 189 -19.31 1.13 6.19
CA GLU A 189 -19.28 1.02 6.24
C GLU A 189 -18.34 2.22 6.58
C GLU A 189 -18.37 2.17 6.67
N THR A 190 -17.11 1.86 6.91
CA THR A 190 -16.12 2.88 7.29
C THR A 190 -15.87 3.86 6.13
N ALA A 191 -15.77 3.33 4.92
CA ALA A 191 -15.56 4.21 3.77
C ALA A 191 -16.75 5.12 3.57
N LYS A 192 -17.95 4.59 3.74
CA LYS A 192 -19.16 5.45 3.55
C LYS A 192 -19.22 6.56 4.59
N LYS A 193 -18.65 6.33 5.75
CA LYS A 193 -18.64 7.33 6.82
C LYS A 193 -17.65 8.44 6.49
N TRP A 194 -16.44 8.08 6.06
CA TRP A 194 -15.39 9.06 5.97
C TRP A 194 -15.18 9.71 4.61
N VAL A 195 -15.41 8.99 3.53
CA VAL A 195 -15.16 9.58 2.20
C VAL A 195 -15.94 10.90 1.97
N PRO A 196 -17.23 10.97 2.31
CA PRO A 196 -17.90 12.27 2.14
C PRO A 196 -17.22 13.40 2.91
N GLU A 197 -16.74 13.11 4.13
CA GLU A 197 -16.02 14.12 4.90
C GLU A 197 -14.71 14.54 4.20
N MET A 198 -13.98 13.57 3.65
CA MET A 198 -12.74 13.91 2.95
C MET A 198 -13.01 14.88 1.80
N ARG A 199 -14.07 14.61 1.04
CA ARG A 199 -14.37 15.44 -0.11
C ARG A 199 -14.87 16.82 0.35
N GLU A 200 -15.65 16.86 1.43
CA GLU A 200 -16.13 18.14 1.98
C GLU A 200 -14.95 18.98 2.51
N GLN A 201 -13.92 18.31 3.02
CA GLN A 201 -12.72 18.96 3.55
C GLN A 201 -11.73 19.33 2.46
N GLY A 202 -12.11 19.14 1.20
CA GLY A 202 -11.33 19.62 0.08
C GLY A 202 -10.41 18.66 -0.64
N ALA A 203 -10.51 17.35 -0.36
CA ALA A 203 -9.72 16.40 -1.15
C ALA A 203 -10.12 16.45 -2.62
N ASP A 204 -9.16 16.64 -3.51
CA ASP A 204 -9.41 16.65 -4.97
C ASP A 204 -9.49 15.23 -5.50
N LEU A 205 -8.75 14.33 -4.85
N LEU A 205 -8.83 14.30 -4.80
CA LEU A 205 -8.74 12.91 -5.17
CA LEU A 205 -8.71 12.93 -5.25
C LEU A 205 -8.80 12.16 -3.86
C LEU A 205 -8.63 12.08 -3.98
N VAL A 206 -9.40 10.96 -3.92
CA VAL A 206 -9.41 10.07 -2.76
C VAL A 206 -8.83 8.72 -3.19
N VAL A 207 -7.73 8.37 -2.55
CA VAL A 207 -7.03 7.12 -2.76
C VAL A 207 -7.31 6.23 -1.54
N ALA A 208 -8.04 5.14 -1.77
CA ALA A 208 -8.31 4.15 -0.73
C ALA A 208 -7.19 3.13 -0.73
N ILE A 209 -6.74 2.78 0.48
CA ILE A 209 -5.66 1.80 0.66
C ILE A 209 -6.15 0.69 1.64
N PRO A 210 -7.00 -0.21 1.14
CA PRO A 210 -7.48 -1.29 1.99
C PRO A 210 -6.56 -2.50 1.94
N HIS A 211 -6.17 -2.99 3.12
CA HIS A 211 -5.46 -4.25 3.20
C HIS A 211 -6.57 -5.31 3.20
N SER A 212 -7.04 -5.63 2.00
CA SER A 212 -8.22 -6.46 1.82
C SER A 212 -8.27 -6.88 0.34
N GLY A 213 -8.74 -8.12 0.11
CA GLY A 213 -8.83 -8.67 -1.23
C GLY A 213 -10.12 -8.39 -1.96
N LEU A 214 -10.30 -9.15 -3.06
CA LEU A 214 -11.34 -8.89 -4.05
C LEU A 214 -12.26 -10.09 -4.26
N SER A 215 -13.55 -9.84 -4.02
CA SER A 215 -14.63 -10.81 -4.25
C SER A 215 -15.90 -10.08 -4.68
N SER A 216 -16.61 -10.60 -5.69
CA SER A 216 -17.92 -10.02 -6.02
C SER A 216 -19.09 -10.87 -5.53
N ASP A 217 -18.85 -11.71 -4.53
CA ASP A 217 -19.93 -12.41 -3.83
C ASP A 217 -20.84 -11.35 -3.21
N PRO A 218 -22.08 -11.74 -2.87
CA PRO A 218 -22.94 -10.76 -2.22
C PRO A 218 -22.34 -10.16 -0.97
N TYR A 219 -22.48 -8.85 -0.83
CA TYR A 219 -22.01 -8.18 0.36
C TYR A 219 -22.67 -8.65 1.64
N LYS A 220 -21.83 -8.93 2.65
N LYS A 220 -21.85 -8.92 2.66
CA LYS A 220 -22.25 -9.22 4.03
CA LYS A 220 -22.33 -9.15 4.02
C LYS A 220 -21.33 -8.39 4.92
C LYS A 220 -21.35 -8.41 4.92
N THR A 221 -21.89 -7.69 5.91
CA THR A 221 -21.07 -6.90 6.78
C THR A 221 -19.97 -7.73 7.43
N MET A 222 -18.82 -7.08 7.60
N MET A 222 -18.83 -7.07 7.60
CA MET A 222 -17.60 -7.65 8.17
CA MET A 222 -17.57 -7.60 8.15
C MET A 222 -16.83 -8.52 7.16
C MET A 222 -16.74 -8.39 7.15
N ALA A 223 -17.16 -8.40 5.88
CA ALA A 223 -16.44 -9.14 4.84
C ALA A 223 -14.94 -8.81 4.85
N GLU A 224 -14.13 -9.85 4.93
CA GLU A 224 -12.67 -9.74 4.94
C GLU A 224 -12.13 -9.07 3.70
N ASN A 225 -12.74 -9.42 2.55
CA ASN A 225 -12.23 -9.06 1.20
C ASN A 225 -13.28 -8.19 0.53
N SER A 226 -13.10 -6.87 0.70
CA SER A 226 -14.16 -5.90 0.46
C SER A 226 -13.90 -4.92 -0.70
N VAL A 227 -12.87 -5.15 -1.51
CA VAL A 227 -12.51 -4.22 -2.59
C VAL A 227 -13.62 -4.00 -3.60
N TYR A 228 -14.38 -5.02 -3.95
CA TYR A 228 -15.48 -4.82 -4.92
C TYR A 228 -16.48 -3.82 -4.36
N TYR A 229 -16.83 -3.98 -3.09
CA TYR A 229 -17.82 -3.08 -2.48
C TYR A 229 -17.28 -1.65 -2.41
N LEU A 230 -15.98 -1.50 -2.11
CA LEU A 230 -15.38 -0.17 -2.09
C LEU A 230 -15.44 0.50 -3.46
N SER A 231 -15.33 -0.31 -4.52
CA SER A 231 -15.41 0.24 -5.89
C SER A 231 -16.78 0.80 -6.21
N GLN A 232 -17.77 0.44 -5.39
CA GLN A 232 -19.14 0.95 -5.55
C GLN A 232 -19.42 2.15 -4.62
N VAL A 233 -18.45 2.57 -3.80
CA VAL A 233 -18.64 3.70 -2.92
C VAL A 233 -18.31 5.00 -3.65
N PRO A 234 -19.27 5.92 -3.72
CA PRO A 234 -19.00 7.18 -4.41
C PRO A 234 -17.81 7.94 -3.81
N GLY A 235 -17.06 8.65 -4.64
CA GLY A 235 -16.01 9.50 -4.15
C GLY A 235 -14.66 8.89 -4.02
N ILE A 236 -14.56 7.57 -4.19
CA ILE A 236 -13.26 6.88 -4.18
C ILE A 236 -12.72 6.89 -5.59
N ASP A 237 -11.53 7.45 -5.81
CA ASP A 237 -10.94 7.54 -7.15
C ASP A 237 -9.99 6.44 -7.52
N ALA A 238 -9.36 5.78 -6.54
CA ALA A 238 -8.47 4.64 -6.81
C ALA A 238 -8.47 3.75 -5.59
N ILE A 239 -8.18 2.45 -5.83
CA ILE A 239 -8.10 1.47 -4.75
C ILE A 239 -6.79 0.70 -4.86
N MET A 240 -5.88 0.96 -3.91
CA MET A 240 -4.54 0.32 -3.87
C MET A 240 -4.66 -0.79 -2.83
N PHE A 241 -4.84 -2.03 -3.33
CA PHE A 241 -5.19 -3.13 -2.43
C PHE A 241 -4.12 -4.19 -2.26
N GLY A 242 -4.45 -5.27 -1.55
CA GLY A 242 -3.46 -6.21 -1.10
C GLY A 242 -4.13 -7.31 -0.32
N HIS A 243 -3.39 -7.91 0.61
CA HIS A 243 -3.86 -8.98 1.51
C HIS A 243 -4.02 -10.34 0.84
N ALA A 244 -4.57 -10.40 -0.38
CA ALA A 244 -4.77 -11.70 -1.04
C ALA A 244 -3.51 -12.32 -1.59
N HIS A 245 -2.43 -11.56 -1.73
CA HIS A 245 -1.16 -12.04 -2.31
C HIS A 245 -1.33 -12.49 -3.77
N GLY A 246 -2.32 -11.96 -4.46
CA GLY A 246 -2.49 -12.25 -5.86
C GLY A 246 -2.08 -11.08 -6.71
N VAL A 247 -2.39 -11.13 -8.00
CA VAL A 247 -2.07 -10.03 -8.92
C VAL A 247 -3.34 -9.52 -9.57
N PHE A 248 -3.66 -8.26 -9.32
CA PHE A 248 -4.79 -7.58 -10.02
C PHE A 248 -4.25 -6.32 -10.65
N PRO A 249 -4.58 -6.07 -11.94
CA PRO A 249 -5.39 -6.91 -12.81
C PRO A 249 -4.63 -8.10 -13.37
N SER A 250 -5.34 -9.20 -13.56
CA SER A 250 -4.82 -10.39 -14.26
C SER A 250 -6.01 -11.22 -14.63
N LYS A 251 -5.78 -12.24 -15.47
CA LYS A 251 -6.86 -13.16 -15.87
C LYS A 251 -7.50 -13.90 -14.70
N ASP A 252 -6.79 -14.01 -13.56
CA ASP A 252 -7.34 -14.67 -12.39
C ASP A 252 -8.64 -14.02 -11.91
N PHE A 253 -8.85 -12.75 -12.24
CA PHE A 253 -10.00 -11.99 -11.77
C PHE A 253 -10.97 -11.61 -12.88
N ALA A 254 -10.87 -12.25 -14.04
CA ALA A 254 -11.74 -11.91 -15.16
C ALA A 254 -13.24 -12.09 -14.86
N ALA A 255 -13.56 -12.99 -13.93
CA ALA A 255 -14.97 -13.24 -13.60
C ALA A 255 -15.57 -12.30 -12.58
N ILE A 256 -14.76 -11.44 -11.97
CA ILE A 256 -15.28 -10.47 -11.03
C ILE A 256 -16.24 -9.52 -11.71
N LYS A 257 -17.41 -9.29 -11.11
CA LYS A 257 -18.39 -8.39 -11.70
C LYS A 257 -17.78 -7.00 -11.87
N GLY A 258 -18.00 -6.38 -13.02
CA GLY A 258 -17.50 -5.02 -13.23
C GLY A 258 -16.02 -4.85 -13.48
N ALA A 259 -15.29 -5.97 -13.61
CA ALA A 259 -13.86 -5.90 -13.83
C ALA A 259 -13.50 -5.75 -15.29
N ASP A 260 -12.66 -4.77 -15.58
CA ASP A 260 -12.05 -4.60 -16.92
C ASP A 260 -10.59 -4.91 -16.70
N ILE A 261 -10.17 -6.11 -17.08
CA ILE A 261 -8.84 -6.60 -16.81
C ILE A 261 -7.77 -5.86 -17.63
N THR A 262 -8.07 -5.53 -18.87
CA THR A 262 -7.08 -4.80 -19.68
C THR A 262 -6.79 -3.40 -19.10
N GLN A 263 -7.85 -2.72 -18.64
N GLN A 263 -7.84 -2.73 -18.64
CA GLN A 263 -7.74 -1.36 -18.13
CA GLN A 263 -7.71 -1.37 -18.11
C GLN A 263 -7.37 -1.32 -16.64
C GLN A 263 -7.33 -1.34 -16.64
N GLY A 264 -7.55 -2.44 -15.92
CA GLY A 264 -7.29 -2.47 -14.50
C GLY A 264 -8.32 -1.70 -13.68
N THR A 265 -9.60 -1.83 -14.05
CA THR A 265 -10.66 -1.10 -13.34
C THR A 265 -11.73 -2.04 -12.78
N LEU A 266 -12.39 -1.58 -11.72
CA LEU A 266 -13.54 -2.24 -11.09
C LEU A 266 -14.66 -1.21 -11.09
N ASN A 267 -15.73 -1.45 -11.86
CA ASN A 267 -16.81 -0.48 -11.98
C ASN A 267 -16.27 0.90 -12.36
N GLY A 268 -15.26 0.89 -13.22
CA GLY A 268 -14.66 2.12 -13.75
C GLY A 268 -13.55 2.71 -12.88
N ILE A 269 -13.38 2.21 -11.67
CA ILE A 269 -12.40 2.77 -10.73
C ILE A 269 -11.09 1.99 -10.85
N PRO A 270 -9.95 2.67 -11.06
CA PRO A 270 -8.69 1.91 -11.12
C PRO A 270 -8.36 1.24 -9.80
N ALA A 271 -7.84 0.02 -9.88
CA ALA A 271 -7.52 -0.77 -8.70
C ALA A 271 -6.36 -1.66 -9.03
N VAL A 272 -5.46 -1.85 -8.06
CA VAL A 272 -4.29 -2.68 -8.28
C VAL A 272 -3.93 -3.43 -7.00
N MET A 273 -3.48 -4.67 -7.16
CA MET A 273 -2.94 -5.52 -6.08
C MET A 273 -1.63 -6.12 -6.59
N PRO A 274 -0.48 -5.62 -6.11
CA PRO A 274 0.80 -6.04 -6.63
C PRO A 274 1.48 -7.21 -5.92
N GLY A 275 0.81 -8.35 -5.93
CA GLY A 275 1.46 -9.59 -5.55
C GLY A 275 1.88 -9.72 -4.10
N GLN A 276 3.10 -10.19 -3.91
CA GLN A 276 3.64 -10.45 -2.54
C GLN A 276 5.15 -10.30 -2.51
N TRP A 277 5.67 -9.90 -1.36
CA TRP A 277 7.09 -9.93 -1.07
C TRP A 277 7.91 -9.03 -1.99
N GLY A 278 7.26 -8.03 -2.53
CA GLY A 278 7.91 -7.10 -3.46
C GLY A 278 8.05 -7.62 -4.88
N ASP A 279 7.34 -8.69 -5.23
CA ASP A 279 7.49 -9.25 -6.58
C ASP A 279 6.80 -8.44 -7.69
N HIS A 280 6.01 -7.44 -7.29
CA HIS A 280 5.40 -6.49 -8.24
C HIS A 280 5.35 -5.10 -7.62
N LEU A 281 5.25 -4.10 -8.50
CA LEU A 281 4.90 -2.73 -8.12
C LEU A 281 3.54 -2.39 -8.71
N GLY A 282 2.64 -1.84 -7.89
CA GLY A 282 1.33 -1.39 -8.37
C GLY A 282 1.46 0.00 -8.97
N VAL A 283 0.83 0.20 -10.13
CA VAL A 283 0.88 1.48 -10.86
C VAL A 283 -0.48 1.88 -11.34
N VAL A 284 -1.04 2.93 -10.75
CA VAL A 284 -2.29 3.53 -11.23
C VAL A 284 -1.95 4.85 -11.92
N ASP A 285 -2.49 5.03 -13.10
CA ASP A 285 -2.27 6.28 -13.83
C ASP A 285 -3.59 6.99 -14.05
N PHE A 286 -3.61 8.26 -13.67
CA PHE A 286 -4.73 9.17 -13.91
C PHE A 286 -4.38 10.23 -14.92
N VAL A 287 -5.39 10.66 -15.66
CA VAL A 287 -5.33 11.92 -16.39
C VAL A 287 -6.43 12.76 -15.74
N LEU A 288 -6.04 13.94 -15.26
CA LEU A 288 -6.94 14.88 -14.58
C LEU A 288 -7.01 16.17 -15.38
N ASN A 289 -8.17 16.83 -15.30
N ASN A 289 -8.15 16.83 -15.33
CA ASN A 289 -8.38 18.10 -16.02
CA ASN A 289 -8.18 18.19 -15.85
C ASN A 289 -9.25 19.04 -15.19
C ASN A 289 -9.07 19.04 -14.99
N ASN A 290 -8.90 20.34 -15.15
CA ASN A 290 -9.64 21.33 -14.36
C ASN A 290 -10.48 22.30 -15.18
N ASP A 291 -10.94 21.84 -16.35
N ASP A 291 -10.90 21.90 -16.39
CA ASP A 291 -11.67 22.64 -17.35
CA ASP A 291 -11.60 22.81 -17.31
C ASP A 291 -12.89 23.41 -16.84
C ASP A 291 -12.81 23.52 -16.74
N GLN A 292 -13.51 22.91 -15.78
CA GLN A 292 -14.71 23.58 -15.21
C GLN A 292 -14.48 24.13 -13.80
N GLY A 293 -13.21 24.14 -13.37
CA GLY A 293 -12.84 24.59 -12.05
C GLY A 293 -12.28 23.42 -11.26
N LYS A 294 -13.14 22.47 -10.93
CA LYS A 294 -12.74 21.33 -10.12
C LYS A 294 -11.89 20.34 -10.91
N TRP A 295 -11.08 19.55 -10.21
CA TRP A 295 -10.31 18.51 -10.86
C TRP A 295 -11.20 17.32 -11.13
N GLN A 296 -11.22 16.89 -12.40
N GLN A 296 -11.23 16.86 -12.37
CA GLN A 296 -12.05 15.76 -12.90
CA GLN A 296 -11.97 15.67 -12.68
C GLN A 296 -11.16 14.66 -13.45
C GLN A 296 -11.03 14.66 -13.26
N VAL A 297 -11.39 13.42 -13.04
CA VAL A 297 -10.67 12.29 -13.61
C VAL A 297 -11.25 12.07 -15.00
N ILE A 298 -10.40 12.22 -16.02
CA ILE A 298 -10.82 11.99 -17.37
C ILE A 298 -10.37 10.65 -17.93
N ASP A 299 -9.35 10.06 -17.32
N ASP A 299 -9.34 10.05 -17.31
CA ASP A 299 -8.89 8.73 -17.70
CA ASP A 299 -8.89 8.73 -17.70
C ASP A 299 -8.23 8.09 -16.49
C ASP A 299 -8.22 8.08 -16.50
N ALA A 300 -8.35 6.77 -16.40
CA ALA A 300 -7.75 6.01 -15.31
C ALA A 300 -7.43 4.61 -15.75
N LYS A 301 -6.24 4.14 -15.38
N LYS A 301 -6.30 4.09 -15.32
CA LYS A 301 -5.73 2.81 -15.75
CA LYS A 301 -5.98 2.70 -15.57
C LYS A 301 -4.86 2.26 -14.62
C LYS A 301 -5.04 2.23 -14.49
N ALA A 302 -4.80 0.94 -14.47
CA ALA A 302 -3.94 0.33 -13.47
C ALA A 302 -3.24 -0.91 -14.02
N GLU A 303 -2.03 -1.15 -13.53
N GLU A 303 -2.04 -1.17 -13.52
CA GLU A 303 -1.29 -2.36 -13.89
CA GLU A 303 -1.30 -2.37 -13.89
C GLU A 303 -0.34 -2.73 -12.75
C GLU A 303 -0.33 -2.73 -12.77
N ALA A 304 -0.07 -4.02 -12.62
CA ALA A 304 0.91 -4.52 -11.67
C ALA A 304 2.15 -4.94 -12.45
N ARG A 305 3.27 -4.26 -12.20
CA ARG A 305 4.51 -4.52 -12.93
C ARG A 305 5.40 -5.52 -12.18
N PRO A 306 5.76 -6.63 -12.84
CA PRO A 306 6.55 -7.65 -12.12
C PRO A 306 8.05 -7.34 -12.10
N ILE A 307 8.75 -7.77 -11.06
CA ILE A 307 10.22 -7.65 -11.03
C ILE A 307 10.90 -8.74 -11.86
N TYR A 308 10.17 -9.77 -12.25
CA TYR A 308 10.75 -10.91 -12.99
C TYR A 308 9.83 -11.29 -14.12
N ASP A 309 10.40 -11.51 -15.30
CA ASP A 309 9.67 -11.93 -16.49
C ASP A 309 9.66 -13.46 -16.55
N LYS A 310 8.54 -14.06 -16.19
CA LYS A 310 8.44 -15.52 -16.16
C LYS A 310 8.54 -16.17 -17.53
N THR A 311 8.03 -15.52 -18.57
N THR A 311 8.01 -15.51 -18.55
CA THR A 311 8.06 -16.14 -19.92
CA THR A 311 8.05 -16.04 -19.91
C THR A 311 9.47 -16.05 -20.55
C THR A 311 9.49 -16.09 -20.43
N ALA A 312 10.17 -14.95 -20.34
CA ALA A 312 11.55 -14.81 -20.82
C ALA A 312 12.60 -15.37 -19.87
N GLN A 313 12.21 -15.63 -18.61
CA GLN A 313 13.13 -16.07 -17.55
C GLN A 313 14.26 -15.08 -17.37
N LYS A 314 13.87 -13.84 -17.12
CA LYS A 314 14.86 -12.82 -16.85
C LYS A 314 14.34 -11.74 -15.95
N SER A 315 15.27 -11.14 -15.26
CA SER A 315 14.99 -10.04 -14.35
C SER A 315 14.56 -8.78 -15.12
N LEU A 316 13.58 -8.09 -14.55
CA LEU A 316 13.09 -6.78 -15.06
C LEU A 316 13.41 -5.65 -14.09
N ALA A 317 14.21 -5.93 -13.05
CA ALA A 317 14.46 -4.95 -11.99
C ALA A 317 15.77 -5.29 -11.32
N ALA A 318 16.75 -4.37 -11.38
CA ALA A 318 18.06 -4.67 -10.79
C ALA A 318 18.03 -4.62 -9.26
N GLU A 319 18.99 -5.31 -8.64
CA GLU A 319 19.19 -5.18 -7.21
C GLU A 319 19.79 -3.80 -6.95
N ASN A 320 19.07 -2.94 -6.23
CA ASN A 320 19.53 -1.57 -5.99
C ASN A 320 20.67 -1.51 -4.97
N ALA A 321 21.85 -1.05 -5.41
CA ALA A 321 23.04 -1.06 -4.57
C ALA A 321 22.96 -0.15 -3.37
N LYS A 322 22.34 1.01 -3.55
CA LYS A 322 22.21 1.95 -2.44
C LYS A 322 21.41 1.31 -1.29
N LEU A 323 20.32 0.63 -1.63
N LEU A 323 20.28 0.66 -1.61
CA LEU A 323 19.47 0.03 -0.61
CA LEU A 323 19.48 0.00 -0.56
C LEU A 323 20.15 -1.20 0.01
C LEU A 323 20.21 -1.18 0.05
N VAL A 324 20.91 -1.95 -0.78
CA VAL A 324 21.69 -3.08 -0.26
C VAL A 324 22.64 -2.56 0.80
N GLU A 325 23.30 -1.42 0.57
CA GLU A 325 24.23 -0.89 1.56
C GLU A 325 23.51 -0.47 2.85
N VAL A 326 22.34 0.16 2.71
CA VAL A 326 21.53 0.52 3.91
C VAL A 326 21.28 -0.72 4.77
N LEU A 327 21.00 -1.84 4.10
CA LEU A 327 20.63 -3.08 4.74
C LEU A 327 21.75 -4.04 5.10
N ALA A 328 23.00 -3.71 4.75
CA ALA A 328 24.09 -4.65 4.86
C ALA A 328 24.32 -5.24 6.25
N VAL A 329 24.30 -4.39 7.26
CA VAL A 329 24.53 -4.89 8.64
C VAL A 329 23.38 -5.79 9.04
N ASP A 330 22.15 -5.34 8.78
CA ASP A 330 20.97 -6.13 9.14
C ASP A 330 20.87 -7.44 8.34
N HIS A 331 21.36 -7.42 7.11
CA HIS A 331 21.43 -8.62 6.28
C HIS A 331 22.33 -9.69 6.93
N GLN A 332 23.53 -9.31 7.35
N GLN A 332 23.54 -9.31 7.34
CA GLN A 332 24.43 -10.25 7.98
CA GLN A 332 24.43 -10.28 7.99
C GLN A 332 23.87 -10.69 9.33
C GLN A 332 23.86 -10.71 9.35
N SER A 333 23.24 -9.78 10.08
CA SER A 333 22.62 -10.14 11.37
C SER A 333 21.46 -11.13 11.17
N THR A 334 20.75 -11.02 10.05
CA THR A 334 19.67 -11.96 9.75
C THR A 334 20.23 -13.35 9.43
N ARG A 335 21.33 -13.40 8.67
CA ARG A 335 22.01 -14.66 8.40
C ARG A 335 22.45 -15.31 9.70
N ASP A 336 22.98 -14.52 10.63
CA ASP A 336 23.42 -15.06 11.93
C ASP A 336 22.23 -15.59 12.71
N PHE A 337 21.10 -14.86 12.67
CA PHE A 337 19.90 -15.26 13.40
C PHE A 337 19.37 -16.63 12.95
N VAL A 338 19.36 -16.84 11.65
CA VAL A 338 18.87 -18.07 11.05
C VAL A 338 19.80 -19.25 11.33
N SER A 339 21.12 -19.00 11.36
CA SER A 339 22.09 -20.07 11.58
C SER A 339 22.23 -20.50 13.05
N GLN A 340 21.79 -19.69 13.99
CA GLN A 340 22.02 -19.97 15.42
C GLN A 340 21.27 -21.21 15.90
FE FE B . -2.72 -9.70 5.14
FE FE C . 0.17 -10.66 3.70
NA NA D . -12.60 5.75 -17.45
NA NA E . 6.82 12.57 -6.26
P PO4 F . -1.71 -12.78 5.35
O1 PO4 F . -1.59 -13.93 6.37
O2 PO4 F . -0.31 -12.35 4.93
O3 PO4 F . -2.51 -13.34 4.14
O4 PO4 F . -2.49 -11.58 5.88
C1 MLT G . -6.50 -16.04 5.98
O1 MLT G . -7.09 -17.13 5.79
O2 MLT G . -6.93 -14.96 5.48
C2 MLT G . -5.26 -16.02 6.82
O3 MLT G . -5.42 -16.94 7.93
C3 MLT G . -4.92 -14.61 7.30
C4 MLT G . -4.18 -14.63 8.62
O4 MLT G . -4.71 -15.18 9.61
O5 MLT G . -3.06 -14.08 8.67
C1 PGE H . -21.90 -0.60 -1.71
O1 PGE H . -22.94 0.42 -1.72
C2 PGE H . -22.18 -1.64 -0.63
O2 PGE H . -22.28 -1.01 0.64
C3 PGE H . -22.59 -1.94 1.68
C4 PGE H . -22.55 -1.21 3.02
O4 PGE H . -25.13 2.25 4.22
C6 PGE H . -25.30 0.84 4.46
C5 PGE H . -23.97 0.11 4.43
O3 PGE H . -23.68 -0.33 3.11
C TRS I . 10.45 -16.98 1.99
C1 TRS I . 10.92 -15.57 1.63
C2 TRS I . 11.51 -17.73 2.81
C3 TRS I . 10.11 -17.75 0.71
N TRS I . 9.24 -16.84 2.83
O1 TRS I . 11.28 -14.86 2.81
O2 TRS I . 12.75 -17.77 2.10
O3 TRS I . 9.27 -18.88 0.99
#